data_3D0V
#
_entry.id   3D0V
#
_cell.length_a   58.200
_cell.length_b   64.600
_cell.length_c   177.700
_cell.angle_alpha   90.00
_cell.angle_beta   90.00
_cell.angle_gamma   90.00
#
_symmetry.space_group_name_H-M   'P 21 21 21'
#
loop_
_entity.id
_entity.type
_entity.pdbx_description
1 polymer '2F5 Fab heavy chain'
2 polymer '2F5 Fab light chain'
3 polymer 'gp41 peptide LLELDKWASLW'
4 water water
#
loop_
_entity_poly.entity_id
_entity_poly.type
_entity_poly.pdbx_seq_one_letter_code
_entity_poly.pdbx_strand_id
1 'polypeptide(L)'
;ALQLTQSPSSLSASVGDRITITCRASQGVTSALAWYRQKPGSPPQLLIYDASSLESGVPSRFSGSGSGTEFTLTISTLRP
EDFATYYCQQLHFYPHTFGGGTRVDVRRTVAAPSVFIFPPSDEQLKSGTASVVCLLNNFYPREAKVQWKVDNALQSGNSQ
ESVTEQDSKDSTYSLSSTLTLSKADYEKHKVYECEVTHQGLSSPVTKSFNRGEC
;
A
2 'polypeptide(L)'
;RITLKESGPPLVKPTQTLTLTCSFSGFSLSDFGVGVGWIRQPPGKALEWLAIIYSDDDKRYSPSLNTRLTITKDTSKNQV
VLVMTRVSPVDTATYFCAHRRGPTTLFGVPIARGPVNAMDVWGQGITVTISSTSTKGPSVFPLAPSSKSTSGGTAALGCL
VKDYFPEPVTVSWNSGALTSGVHTFPAVLQSSGLYSLSSVVTVPSSSLGTQTYTCNVNHKPSNTKVDKRVEPKSCDK
;
B
3 'polypeptide(L)' LLELDKWASLW C
#
# COMPACT_ATOMS: atom_id res chain seq x y z
N ALA A 1 2.19 -23.35 -8.96
CA ALA A 1 2.09 -22.29 -7.90
C ALA A 1 0.63 -21.99 -7.59
N LEU A 2 0.28 -22.09 -6.32
CA LEU A 2 -1.09 -21.86 -5.89
C LEU A 2 -1.60 -20.43 -6.07
N GLN A 3 -2.80 -20.32 -6.61
CA GLN A 3 -3.45 -19.05 -6.85
C GLN A 3 -4.59 -18.83 -5.84
N LEU A 4 -4.62 -17.66 -5.21
CA LEU A 4 -5.69 -17.31 -4.27
C LEU A 4 -6.28 -16.02 -4.81
N THR A 5 -7.46 -16.10 -5.40
CA THR A 5 -8.09 -14.94 -6.00
C THR A 5 -9.31 -14.39 -5.26
N GLN A 6 -9.23 -13.13 -4.83
CA GLN A 6 -10.35 -12.51 -4.11
C GLN A 6 -11.29 -11.78 -5.07
N SER A 7 -12.57 -11.83 -4.74
CA SER A 7 -13.60 -11.15 -5.52
C SER A 7 -14.64 -10.55 -4.60
N PRO A 8 -15.00 -9.27 -4.83
CA PRO A 8 -14.39 -8.52 -5.94
C PRO A 8 -13.10 -7.91 -5.44
N SER A 9 -12.36 -7.20 -6.29
CA SER A 9 -11.12 -6.60 -5.83
C SER A 9 -11.45 -5.31 -5.07
N SER A 10 -12.61 -4.74 -5.38
CA SER A 10 -13.06 -3.52 -4.71
C SER A 10 -14.58 -3.54 -4.58
N LEU A 11 -15.08 -2.91 -3.52
CA LEU A 11 -16.50 -2.95 -3.25
C LEU A 11 -16.98 -1.68 -2.53
N SER A 12 -18.08 -1.09 -3.00
CA SER A 12 -18.60 0.09 -2.32
C SER A 12 -19.80 -0.31 -1.48
N ALA A 13 -19.89 0.24 -0.28
CA ALA A 13 -20.98 -0.10 0.60
C ALA A 13 -21.33 1.06 1.52
N SER A 14 -22.37 0.86 2.32
CA SER A 14 -22.80 1.89 3.24
C SER A 14 -23.00 1.24 4.60
N VAL A 15 -22.92 2.04 5.65
CA VAL A 15 -23.11 1.55 7.00
C VAL A 15 -24.46 0.83 7.05
N GLY A 16 -24.46 -0.40 7.55
CA GLY A 16 -25.69 -1.16 7.64
C GLY A 16 -25.84 -2.24 6.59
N ASP A 17 -25.12 -2.14 5.48
CA ASP A 17 -25.23 -3.15 4.42
C ASP A 17 -24.64 -4.47 4.88
N ARG A 18 -25.01 -5.51 4.14
CA ARG A 18 -24.49 -6.83 4.37
C ARG A 18 -23.66 -7.07 3.13
N ILE A 19 -22.39 -7.42 3.31
CA ILE A 19 -21.55 -7.65 2.16
C ILE A 19 -20.89 -9.01 2.23
N THR A 20 -20.50 -9.52 1.08
CA THR A 20 -19.82 -10.79 1.05
C THR A 20 -18.60 -10.60 0.16
N ILE A 21 -17.54 -11.31 0.52
CA ILE A 21 -16.29 -11.26 -0.21
C ILE A 21 -15.90 -12.71 -0.41
N THR A 22 -15.39 -13.04 -1.59
CA THR A 22 -15.01 -14.41 -1.80
C THR A 22 -13.52 -14.58 -2.11
N CYS A 23 -13.05 -15.79 -1.86
CA CYS A 23 -11.66 -16.14 -2.10
C CYS A 23 -11.70 -17.52 -2.71
N ARG A 24 -11.09 -17.64 -3.88
CA ARG A 24 -11.07 -18.91 -4.59
C ARG A 24 -9.64 -19.38 -4.78
N ALA A 25 -9.40 -20.65 -4.48
CA ALA A 25 -8.06 -21.18 -4.62
C ALA A 25 -7.94 -22.12 -5.82
N SER A 26 -6.79 -22.05 -6.47
CA SER A 26 -6.50 -22.87 -7.65
C SER A 26 -6.49 -24.37 -7.38
N GLN A 27 -6.24 -24.75 -6.13
CA GLN A 27 -6.24 -26.15 -5.69
C GLN A 27 -6.89 -26.17 -4.33
N GLY A 28 -7.47 -27.31 -3.95
CA GLY A 28 -8.12 -27.39 -2.65
C GLY A 28 -7.19 -27.14 -1.48
N VAL A 29 -7.62 -26.34 -0.51
CA VAL A 29 -6.83 -26.05 0.68
C VAL A 29 -7.59 -26.51 1.92
N THR A 30 -8.53 -27.43 1.72
CA THR A 30 -9.36 -27.96 2.80
C THR A 30 -10.00 -26.82 3.59
N SER A 31 -9.84 -26.79 4.91
CA SER A 31 -10.44 -25.72 5.72
C SER A 31 -9.39 -24.73 6.21
N ALA A 32 -8.15 -24.88 5.73
CA ALA A 32 -7.06 -24.04 6.16
C ALA A 32 -7.03 -22.67 5.50
N LEU A 33 -7.96 -21.81 5.88
CA LEU A 33 -8.03 -20.47 5.31
C LEU A 33 -8.38 -19.41 6.34
N ALA A 34 -7.71 -18.28 6.33
CA ALA A 34 -8.04 -17.27 7.32
C ALA A 34 -8.43 -15.96 6.66
N TRP A 35 -9.23 -15.16 7.36
CA TRP A 35 -9.65 -13.85 6.86
C TRP A 35 -9.15 -12.76 7.80
N TYR A 36 -8.64 -11.68 7.22
CA TYR A 36 -8.14 -10.55 8.00
C TYR A 36 -8.72 -9.24 7.52
N ARG A 37 -8.79 -8.27 8.43
CA ARG A 37 -9.23 -6.93 8.09
C ARG A 37 -8.03 -6.05 8.35
N GLN A 38 -7.69 -5.18 7.41
CA GLN A 38 -6.56 -4.30 7.63
C GLN A 38 -6.96 -2.86 7.41
N LYS A 39 -6.75 -2.04 8.43
CA LYS A 39 -7.06 -0.63 8.33
C LYS A 39 -5.76 0.06 7.97
N PRO A 40 -5.85 1.15 7.21
CA PRO A 40 -4.66 1.90 6.80
C PRO A 40 -3.76 2.25 7.98
N GLY A 41 -2.48 1.92 7.85
CA GLY A 41 -1.53 2.22 8.90
C GLY A 41 -1.42 1.16 9.99
N SER A 42 -2.23 0.12 9.92
CA SER A 42 -2.19 -0.92 10.94
C SER A 42 -1.93 -2.30 10.38
N PRO A 43 -1.56 -3.24 11.25
CA PRO A 43 -1.32 -4.58 10.72
C PRO A 43 -2.67 -5.24 10.50
N PRO A 44 -2.69 -6.33 9.74
CA PRO A 44 -3.93 -7.05 9.47
C PRO A 44 -4.43 -7.60 10.81
N GLN A 45 -5.74 -7.73 10.95
CA GLN A 45 -6.31 -8.27 12.17
C GLN A 45 -7.11 -9.51 11.81
N LEU A 46 -6.86 -10.60 12.53
CA LEU A 46 -7.55 -11.86 12.30
C LEU A 46 -9.03 -11.80 12.63
N LEU A 47 -9.86 -12.25 11.68
CA LEU A 47 -11.31 -12.27 11.89
C LEU A 47 -11.80 -13.71 12.01
N ILE A 48 -11.44 -14.52 11.03
CA ILE A 48 -11.87 -15.92 10.95
C ILE A 48 -10.69 -16.85 10.74
N TYR A 49 -10.63 -17.94 11.49
CA TYR A 49 -9.56 -18.90 11.29
C TYR A 49 -10.14 -20.26 10.90
N ASP A 50 -9.28 -21.11 10.36
CA ASP A 50 -9.69 -22.42 9.85
C ASP A 50 -10.52 -21.75 8.77
N ALA A 51 -11.78 -22.04 8.54
CA ALA A 51 -12.44 -21.28 7.45
C ALA A 51 -13.73 -20.64 7.91
N SER A 52 -14.17 -21.06 9.09
CA SER A 52 -15.42 -20.58 9.61
C SER A 52 -15.40 -20.28 11.10
N SER A 53 -14.27 -20.48 11.75
CA SER A 53 -14.21 -20.23 13.19
C SER A 53 -14.02 -18.74 13.51
N LEU A 54 -14.86 -18.24 14.40
CA LEU A 54 -14.81 -16.83 14.80
C LEU A 54 -13.68 -16.64 15.80
N GLU A 55 -12.74 -15.77 15.48
CA GLU A 55 -11.64 -15.52 16.39
C GLU A 55 -12.16 -14.79 17.63
N SER A 56 -11.67 -15.21 18.79
CA SER A 56 -12.07 -14.62 20.06
C SER A 56 -11.90 -13.10 20.07
N GLY A 57 -12.94 -12.40 20.49
CA GLY A 57 -12.87 -10.94 20.55
C GLY A 57 -13.37 -10.25 19.30
N VAL A 58 -13.60 -11.04 18.25
CA VAL A 58 -14.09 -10.49 17.00
C VAL A 58 -15.63 -10.45 17.02
N PRO A 59 -16.22 -9.31 16.63
CA PRO A 59 -17.68 -9.16 16.63
C PRO A 59 -18.39 -10.23 15.80
N SER A 60 -19.53 -10.67 16.30
CA SER A 60 -20.31 -11.72 15.65
C SER A 60 -20.85 -11.35 14.27
N ARG A 61 -20.74 -10.09 13.86
CA ARG A 61 -21.24 -9.72 12.54
C ARG A 61 -20.36 -10.32 11.45
N PHE A 62 -19.18 -10.82 11.82
CA PHE A 62 -18.28 -11.45 10.85
C PHE A 62 -18.53 -12.94 10.81
N SER A 63 -18.58 -13.48 9.61
CA SER A 63 -18.83 -14.89 9.44
C SER A 63 -18.08 -15.43 8.24
N GLY A 64 -17.61 -16.66 8.35
CA GLY A 64 -16.90 -17.26 7.23
C GLY A 64 -17.43 -18.64 6.92
N SER A 65 -17.40 -19.02 5.65
CA SER A 65 -17.87 -20.33 5.24
C SER A 65 -17.12 -20.82 4.00
N GLY A 66 -17.36 -22.09 3.67
CA GLY A 66 -16.71 -22.70 2.53
C GLY A 66 -15.57 -23.61 2.94
N SER A 67 -15.07 -24.37 1.96
CA SER A 67 -13.97 -25.29 2.17
C SER A 67 -13.51 -25.67 0.78
N GLY A 68 -12.33 -26.26 0.68
CA GLY A 68 -11.83 -26.67 -0.61
C GLY A 68 -11.28 -25.53 -1.43
N THR A 69 -12.05 -25.07 -2.42
CA THR A 69 -11.60 -24.01 -3.29
C THR A 69 -12.42 -22.71 -3.19
N GLU A 70 -13.55 -22.76 -2.48
CA GLU A 70 -14.38 -21.57 -2.37
C GLU A 70 -14.70 -21.15 -0.97
N PHE A 71 -14.34 -19.92 -0.67
CA PHE A 71 -14.58 -19.38 0.65
C PHE A 71 -15.22 -18.03 0.56
N THR A 72 -16.03 -17.72 1.55
CA THR A 72 -16.65 -16.42 1.55
C THR A 72 -16.72 -15.84 2.94
N LEU A 73 -16.49 -14.55 3.00
CA LEU A 73 -16.54 -13.81 4.24
C LEU A 73 -17.74 -12.89 4.14
N THR A 74 -18.58 -12.88 5.16
CA THR A 74 -19.68 -11.95 5.10
C THR A 74 -19.78 -11.18 6.38
N ILE A 75 -20.09 -9.90 6.20
CA ILE A 75 -20.26 -8.97 7.30
C ILE A 75 -21.75 -8.69 7.18
N SER A 76 -22.49 -9.07 8.21
CA SER A 76 -23.94 -8.93 8.19
C SER A 76 -24.44 -7.48 8.20
N THR A 77 -23.85 -6.65 9.05
CA THR A 77 -24.22 -5.25 9.14
C THR A 77 -22.97 -4.41 9.22
N LEU A 78 -22.57 -3.85 8.09
CA LEU A 78 -21.36 -3.04 8.01
C LEU A 78 -21.30 -1.88 8.99
N ARG A 79 -20.21 -1.80 9.74
CA ARG A 79 -20.00 -0.71 10.69
C ARG A 79 -18.92 0.19 10.10
N PRO A 80 -18.78 1.43 10.60
CA PRO A 80 -17.78 2.39 10.10
C PRO A 80 -16.34 1.87 10.07
N GLU A 81 -15.97 1.12 11.10
CA GLU A 81 -14.62 0.59 11.18
C GLU A 81 -14.38 -0.54 10.18
N ASP A 82 -15.42 -0.95 9.45
CA ASP A 82 -15.26 -2.03 8.49
C ASP A 82 -14.83 -1.57 7.10
N PHE A 83 -14.80 -0.26 6.90
CA PHE A 83 -14.34 0.26 5.63
C PHE A 83 -12.84 0.07 5.74
N ALA A 84 -12.34 -0.90 5.00
CA ALA A 84 -10.94 -1.24 5.04
C ALA A 84 -10.68 -2.20 3.90
N THR A 85 -9.52 -2.83 3.97
CA THR A 85 -9.13 -3.80 2.97
C THR A 85 -9.09 -5.16 3.67
N TYR A 86 -9.69 -6.15 3.02
CA TYR A 86 -9.74 -7.50 3.57
C TYR A 86 -8.86 -8.46 2.79
N TYR A 87 -8.29 -9.43 3.48
CA TYR A 87 -7.42 -10.41 2.85
C TYR A 87 -7.70 -11.83 3.31
N CYS A 88 -7.56 -12.78 2.39
CA CYS A 88 -7.69 -14.18 2.78
C CYS A 88 -6.30 -14.74 2.72
N GLN A 89 -6.06 -15.78 3.51
CA GLN A 89 -4.78 -16.45 3.53
C GLN A 89 -5.01 -17.95 3.61
N GLN A 90 -4.21 -18.65 2.83
CA GLN A 90 -4.21 -20.09 2.68
C GLN A 90 -3.05 -20.68 3.49
N LEU A 91 -3.30 -21.66 4.36
CA LEU A 91 -2.21 -22.28 5.14
C LEU A 91 -2.18 -23.80 5.03
N HIS A 92 -2.64 -24.32 3.89
CA HIS A 92 -2.65 -25.76 3.66
C HIS A 92 -1.36 -26.20 2.98
N PHE A 93 -0.84 -25.35 2.10
CA PHE A 93 0.41 -25.61 1.36
C PHE A 93 1.41 -24.49 1.62
N TYR A 94 2.69 -24.83 1.53
CA TYR A 94 3.73 -23.83 1.65
C TYR A 94 3.99 -23.48 0.20
N PRO A 95 4.16 -22.19 -0.11
CA PRO A 95 4.13 -21.09 0.84
C PRO A 95 2.68 -20.70 1.19
N HIS A 96 2.47 -20.16 2.37
CA HIS A 96 1.15 -19.72 2.87
C HIS A 96 0.58 -18.47 2.19
N THR A 97 0.13 -18.62 0.95
CA THR A 97 -0.42 -17.54 0.13
C THR A 97 -1.50 -16.60 0.67
N PHE A 98 -1.36 -15.32 0.34
CA PHE A 98 -2.34 -14.31 0.70
C PHE A 98 -3.06 -13.91 -0.59
N GLY A 99 -4.35 -13.60 -0.46
CA GLY A 99 -5.10 -13.16 -1.63
C GLY A 99 -4.66 -11.73 -1.94
N GLY A 100 -5.15 -11.17 -3.03
CA GLY A 100 -4.77 -9.83 -3.43
C GLY A 100 -5.48 -8.71 -2.69
N GLY A 101 -6.47 -9.09 -1.88
CA GLY A 101 -7.22 -8.12 -1.10
C GLY A 101 -8.43 -7.51 -1.78
N THR A 102 -9.38 -7.04 -0.98
CA THR A 102 -10.54 -6.35 -1.54
C THR A 102 -10.81 -5.15 -0.65
N ARG A 103 -10.77 -4.01 -1.28
CA ARG A 103 -10.98 -2.72 -0.66
C ARG A 103 -12.47 -2.45 -0.53
N VAL A 104 -12.91 -2.19 0.70
CA VAL A 104 -14.31 -1.88 0.93
C VAL A 104 -14.37 -0.40 1.27
N ASP A 105 -15.00 0.39 0.42
CA ASP A 105 -15.07 1.82 0.69
C ASP A 105 -16.49 2.38 0.74
N VAL A 106 -16.60 3.64 1.14
CA VAL A 106 -17.89 4.29 1.28
C VAL A 106 -18.53 4.60 -0.06
N ARG A 107 -19.74 4.10 -0.26
CA ARG A 107 -20.45 4.34 -1.50
C ARG A 107 -21.06 5.73 -1.53
N ARG A 108 -21.09 6.31 -2.72
CA ARG A 108 -21.68 7.62 -2.95
C ARG A 108 -21.99 7.68 -4.43
N THR A 109 -22.68 8.74 -4.84
CA THR A 109 -23.02 8.89 -6.24
C THR A 109 -21.77 8.96 -7.11
N VAL A 110 -21.89 8.47 -8.33
CA VAL A 110 -20.78 8.50 -9.27
C VAL A 110 -20.44 9.96 -9.56
N ALA A 111 -19.14 10.24 -9.62
CA ALA A 111 -18.67 11.59 -9.87
C ALA A 111 -17.43 11.58 -10.74
N ALA A 112 -17.55 12.22 -11.90
CA ALA A 112 -16.43 12.29 -12.82
C ALA A 112 -15.37 13.19 -12.23
N PRO A 113 -14.11 12.94 -12.57
CA PRO A 113 -13.00 13.75 -12.07
C PRO A 113 -12.92 15.04 -12.86
N SER A 114 -12.50 16.12 -12.21
CA SER A 114 -12.30 17.37 -12.89
C SER A 114 -10.84 17.18 -13.25
N VAL A 115 -10.50 17.32 -14.52
CA VAL A 115 -9.14 17.10 -14.97
C VAL A 115 -8.38 18.39 -15.28
N PHE A 116 -7.13 18.45 -14.84
CA PHE A 116 -6.28 19.61 -15.07
C PHE A 116 -4.90 19.15 -15.50
N ILE A 117 -4.26 19.89 -16.40
CA ILE A 117 -2.92 19.53 -16.80
C ILE A 117 -1.96 20.69 -16.56
N PHE A 118 -0.80 20.37 -15.99
CA PHE A 118 0.20 21.37 -15.65
C PHE A 118 1.51 21.17 -16.39
N PRO A 119 1.93 22.17 -17.18
CA PRO A 119 3.19 21.98 -17.87
C PRO A 119 4.32 22.18 -16.87
N PRO A 120 5.54 21.78 -17.23
CA PRO A 120 6.67 21.94 -16.31
C PRO A 120 6.98 23.43 -16.20
N SER A 121 7.55 23.82 -15.06
CA SER A 121 7.91 25.21 -14.84
C SER A 121 9.22 25.50 -15.52
N ASP A 122 9.42 26.75 -15.92
CA ASP A 122 10.65 27.15 -16.57
C ASP A 122 11.77 26.98 -15.58
N GLU A 123 11.43 27.07 -14.29
CA GLU A 123 12.45 26.90 -13.27
C GLU A 123 12.97 25.48 -13.29
N GLN A 124 12.08 24.50 -13.43
CA GLN A 124 12.53 23.11 -13.46
C GLN A 124 13.30 22.85 -14.75
N LEU A 125 12.81 23.39 -15.86
CA LEU A 125 13.47 23.18 -17.14
C LEU A 125 14.94 23.59 -17.10
N LYS A 126 15.26 24.65 -16.37
CA LYS A 126 16.65 25.09 -16.28
C LYS A 126 17.53 24.01 -15.65
N SER A 127 16.94 23.17 -14.81
CA SER A 127 17.71 22.12 -14.17
C SER A 127 17.91 20.90 -15.07
N GLY A 128 17.25 20.89 -16.23
CA GLY A 128 17.41 19.78 -17.15
C GLY A 128 16.35 18.68 -17.17
N THR A 129 15.29 18.83 -16.38
CA THR A 129 14.24 17.84 -16.35
C THR A 129 12.88 18.48 -16.51
N ALA A 130 11.94 17.75 -17.09
CA ALA A 130 10.61 18.27 -17.27
C ALA A 130 9.58 17.31 -16.70
N SER A 131 8.82 17.80 -15.72
CA SER A 131 7.77 17.00 -15.11
C SER A 131 6.45 17.60 -15.56
N VAL A 132 5.62 16.79 -16.20
CA VAL A 132 4.32 17.25 -16.66
C VAL A 132 3.31 16.58 -15.76
N VAL A 133 2.43 17.32 -15.09
CA VAL A 133 1.48 16.58 -14.28
C VAL A 133 0.02 16.78 -14.61
N CYS A 134 -0.70 15.69 -14.39
CA CYS A 134 -2.12 15.63 -14.65
C CYS A 134 -2.83 15.35 -13.35
N LEU A 135 -3.87 16.13 -13.08
CA LEU A 135 -4.65 15.98 -11.88
C LEU A 135 -6.10 15.59 -12.16
N LEU A 136 -6.55 14.55 -11.48
CA LEU A 136 -7.93 14.08 -11.60
C LEU A 136 -8.47 14.37 -10.21
N ASN A 137 -9.35 15.35 -10.13
CA ASN A 137 -9.87 15.79 -8.85
C ASN A 137 -11.29 15.37 -8.47
N ASN A 138 -11.42 14.97 -7.20
CA ASN A 138 -12.68 14.56 -6.58
C ASN A 138 -13.61 13.69 -7.39
N PHE A 139 -13.18 12.44 -7.62
CA PHE A 139 -13.99 11.51 -8.39
C PHE A 139 -14.36 10.26 -7.61
N TYR A 140 -15.33 9.53 -8.15
CA TYR A 140 -15.81 8.28 -7.56
C TYR A 140 -16.55 7.51 -8.64
N PRO A 141 -16.34 6.18 -8.72
CA PRO A 141 -15.45 5.40 -7.84
C PRO A 141 -13.96 5.59 -8.07
N ARG A 142 -13.17 4.87 -7.29
CA ARG A 142 -11.73 4.94 -7.30
C ARG A 142 -11.05 4.57 -8.61
N GLU A 143 -11.62 3.63 -9.35
CA GLU A 143 -11.01 3.20 -10.59
C GLU A 143 -10.97 4.30 -11.65
N ALA A 144 -9.77 4.63 -12.09
CA ALA A 144 -9.58 5.66 -13.11
C ALA A 144 -8.35 5.28 -13.92
N LYS A 145 -8.33 5.69 -15.17
CA LYS A 145 -7.21 5.38 -16.03
C LYS A 145 -6.69 6.63 -16.74
N VAL A 146 -5.38 6.82 -16.65
CA VAL A 146 -4.72 7.95 -17.27
C VAL A 146 -3.74 7.49 -18.32
N GLN A 147 -3.84 8.08 -19.50
CA GLN A 147 -2.94 7.75 -20.60
C GLN A 147 -2.26 9.00 -21.13
N TRP A 148 -0.93 9.03 -21.09
CA TRP A 148 -0.20 10.18 -21.59
C TRP A 148 0.08 10.02 -23.08
N LYS A 149 0.04 11.14 -23.79
CA LYS A 149 0.30 11.14 -25.21
C LYS A 149 1.11 12.38 -25.55
N VAL A 150 2.18 12.19 -26.32
CA VAL A 150 3.05 13.27 -26.74
C VAL A 150 3.11 13.24 -28.26
N ASP A 151 2.52 14.24 -28.89
CA ASP A 151 2.44 14.32 -30.34
C ASP A 151 1.84 13.01 -30.84
N ASN A 152 0.80 12.62 -30.11
CA ASN A 152 0.04 11.42 -30.34
C ASN A 152 0.73 10.10 -30.13
N ALA A 153 1.93 10.15 -29.60
CA ALA A 153 2.65 8.92 -29.32
C ALA A 153 2.23 8.55 -27.90
N LEU A 154 1.82 7.30 -27.74
CA LEU A 154 1.40 6.80 -26.46
C LEU A 154 2.62 6.62 -25.56
N GLN A 155 2.60 7.22 -24.37
CA GLN A 155 3.73 7.12 -23.45
C GLN A 155 3.65 5.90 -22.54
N SER A 156 4.80 5.32 -22.27
CA SER A 156 4.87 4.14 -21.43
C SER A 156 6.16 4.07 -20.64
N GLY A 157 6.04 3.76 -19.36
CA GLY A 157 7.20 3.63 -18.49
C GLY A 157 7.83 4.91 -17.99
N ASN A 158 7.28 6.06 -18.38
CA ASN A 158 7.85 7.32 -17.94
C ASN A 158 6.89 8.18 -17.11
N SER A 159 5.92 7.53 -16.48
CA SER A 159 4.97 8.23 -15.64
C SER A 159 4.74 7.44 -14.35
N GLN A 160 4.37 8.16 -13.30
CA GLN A 160 4.09 7.57 -12.00
C GLN A 160 2.84 8.27 -11.50
N GLU A 161 2.02 7.55 -10.74
CA GLU A 161 0.82 8.16 -10.22
C GLU A 161 0.57 7.76 -8.79
N SER A 162 -0.19 8.59 -8.07
CA SER A 162 -0.54 8.26 -6.71
C SER A 162 -1.96 8.78 -6.46
N VAL A 163 -2.62 8.14 -5.51
CA VAL A 163 -4.01 8.44 -5.19
C VAL A 163 -4.22 8.73 -3.72
N THR A 164 -5.12 9.66 -3.44
CA THR A 164 -5.44 10.02 -2.07
C THR A 164 -6.33 8.96 -1.44
N GLU A 165 -6.44 9.00 -0.12
CA GLU A 165 -7.32 8.09 0.59
C GLU A 165 -8.70 8.70 0.39
N GLN A 166 -9.75 7.90 0.51
CA GLN A 166 -11.09 8.44 0.31
C GLN A 166 -11.33 9.62 1.24
N ASP A 167 -11.88 10.70 0.71
CA ASP A 167 -12.14 11.88 1.52
C ASP A 167 -13.20 11.62 2.58
N SER A 168 -12.94 12.07 3.80
CA SER A 168 -13.88 11.85 4.89
C SER A 168 -15.21 12.59 4.78
N LYS A 169 -15.29 13.65 3.99
CA LYS A 169 -16.58 14.33 3.84
C LYS A 169 -17.17 14.14 2.44
N ASP A 170 -16.30 14.17 1.45
CA ASP A 170 -16.63 14.00 0.03
C ASP A 170 -16.96 12.57 -0.36
N SER A 171 -16.12 11.67 0.15
CA SER A 171 -16.17 10.25 -0.15
C SER A 171 -15.58 10.09 -1.56
N THR A 172 -14.84 11.10 -2.01
CA THR A 172 -14.20 11.05 -3.32
C THR A 172 -12.70 10.77 -3.22
N TYR A 173 -12.11 10.52 -4.38
CA TYR A 173 -10.69 10.25 -4.51
C TYR A 173 -10.12 11.26 -5.48
N SER A 174 -8.82 11.51 -5.37
CA SER A 174 -8.13 12.41 -6.28
C SER A 174 -6.85 11.68 -6.67
N LEU A 175 -6.42 11.89 -7.91
CA LEU A 175 -5.24 11.23 -8.42
C LEU A 175 -4.31 12.18 -9.15
N SER A 176 -3.02 11.95 -8.96
CA SER A 176 -2.00 12.76 -9.59
C SER A 176 -1.14 11.83 -10.44
N SER A 177 -0.83 12.27 -11.67
CA SER A 177 0.02 11.48 -12.56
C SER A 177 1.11 12.38 -13.10
N THR A 178 2.35 11.97 -12.91
CA THR A 178 3.48 12.75 -13.36
C THR A 178 4.25 12.11 -14.50
N LEU A 179 4.33 12.82 -15.62
CA LEU A 179 5.07 12.35 -16.78
C LEU A 179 6.43 13.04 -16.66
N THR A 180 7.51 12.27 -16.71
CA THR A 180 8.84 12.83 -16.58
C THR A 180 9.71 12.60 -17.80
N LEU A 181 10.24 13.70 -18.32
CA LEU A 181 11.11 13.67 -19.49
C LEU A 181 12.33 14.54 -19.26
N SER A 182 13.37 14.28 -20.04
CA SER A 182 14.56 15.09 -19.95
C SER A 182 14.14 16.35 -20.68
N LYS A 183 14.86 17.44 -20.45
CA LYS A 183 14.55 18.69 -21.12
C LYS A 183 14.69 18.51 -22.63
N ALA A 184 15.75 17.83 -23.05
CA ALA A 184 15.97 17.59 -24.47
C ALA A 184 14.74 16.92 -25.07
N ASP A 185 14.31 15.81 -24.50
CA ASP A 185 13.13 15.12 -25.00
C ASP A 185 11.91 16.02 -24.99
N TYR A 186 11.70 16.75 -23.88
CA TYR A 186 10.55 17.64 -23.78
C TYR A 186 10.47 18.67 -24.91
N GLU A 187 11.62 19.24 -25.24
CA GLU A 187 11.68 20.27 -26.27
C GLU A 187 11.64 19.75 -27.70
N LYS A 188 11.52 18.44 -27.84
CA LYS A 188 11.47 17.83 -29.15
C LYS A 188 10.04 17.56 -29.58
N HIS A 189 9.09 17.96 -28.75
CA HIS A 189 7.70 17.72 -29.07
C HIS A 189 6.87 18.94 -28.76
N LYS A 190 5.62 18.94 -29.22
CA LYS A 190 4.77 20.09 -28.98
C LYS A 190 3.50 19.81 -28.19
N VAL A 191 2.73 18.80 -28.59
CA VAL A 191 1.49 18.52 -27.90
C VAL A 191 1.60 17.50 -26.78
N TYR A 192 1.33 17.97 -25.56
CA TYR A 192 1.36 17.12 -24.37
C TYR A 192 -0.08 16.94 -23.93
N GLU A 193 -0.50 15.68 -23.91
CA GLU A 193 -1.88 15.32 -23.64
C GLU A 193 -2.11 14.28 -22.52
N CYS A 194 -3.09 14.54 -21.68
CA CYS A 194 -3.46 13.64 -20.58
C CYS A 194 -4.87 13.14 -20.88
N GLU A 195 -4.98 11.85 -21.21
CA GLU A 195 -6.29 11.26 -21.51
C GLU A 195 -6.82 10.49 -20.32
N VAL A 196 -8.04 10.82 -19.92
CA VAL A 196 -8.67 10.22 -18.76
C VAL A 196 -9.93 9.41 -19.01
N THR A 197 -9.94 8.19 -18.48
CA THR A 197 -11.09 7.31 -18.59
C THR A 197 -11.64 7.07 -17.21
N HIS A 198 -12.95 7.26 -17.06
CA HIS A 198 -13.60 7.06 -15.78
C HIS A 198 -15.05 6.73 -16.04
N GLN A 199 -15.65 6.00 -15.11
CA GLN A 199 -17.03 5.60 -15.20
C GLN A 199 -17.97 6.79 -15.31
N GLY A 200 -17.58 7.92 -14.70
CA GLY A 200 -18.40 9.11 -14.72
C GLY A 200 -18.33 9.90 -16.02
N LEU A 201 -17.44 9.50 -16.92
CA LEU A 201 -17.30 10.19 -18.19
C LEU A 201 -17.94 9.31 -19.27
N SER A 202 -18.85 9.88 -20.05
CA SER A 202 -19.50 9.11 -21.12
C SER A 202 -18.44 8.64 -22.09
N SER A 203 -17.42 9.46 -22.28
CA SER A 203 -16.28 9.09 -23.11
C SER A 203 -15.08 9.79 -22.49
N PRO A 204 -13.87 9.36 -22.83
CA PRO A 204 -12.60 9.91 -22.31
C PRO A 204 -12.39 11.40 -22.49
N VAL A 205 -11.94 12.06 -21.44
CA VAL A 205 -11.66 13.48 -21.53
C VAL A 205 -10.16 13.68 -21.66
N THR A 206 -9.78 14.55 -22.59
CA THR A 206 -8.39 14.85 -22.81
C THR A 206 -8.11 16.31 -22.51
N LYS A 207 -7.06 16.55 -21.73
CA LYS A 207 -6.64 17.90 -21.40
C LYS A 207 -5.24 17.97 -21.98
N SER A 208 -4.94 19.07 -22.66
CA SER A 208 -3.63 19.21 -23.29
C SER A 208 -3.19 20.63 -23.48
N PHE A 209 -1.93 20.78 -23.92
CA PHE A 209 -1.34 22.07 -24.19
C PHE A 209 -0.24 21.90 -25.24
N ASN A 210 0.09 22.99 -25.93
CA ASN A 210 1.13 23.01 -26.94
C ASN A 210 2.36 23.64 -26.35
N ARG A 211 3.44 22.89 -26.26
CA ARG A 211 4.67 23.44 -25.71
C ARG A 211 5.10 24.63 -26.58
N GLY A 212 5.79 25.59 -25.96
CA GLY A 212 6.26 26.75 -26.69
C GLY A 212 5.15 27.72 -27.04
N GLU A 213 4.07 27.20 -27.61
CA GLU A 213 2.94 28.04 -27.99
C GLU A 213 2.70 29.16 -26.98
N CYS A 214 2.96 30.38 -27.41
CA CYS A 214 2.80 31.54 -26.55
C CYS A 214 1.83 32.55 -27.16
N ARG B 1 -1.37 -12.50 27.47
CA ARG B 1 -1.51 -11.63 26.26
C ARG B 1 -0.25 -11.67 25.40
N ILE B 2 -0.44 -11.90 24.11
CA ILE B 2 0.68 -11.99 23.18
C ILE B 2 0.95 -10.69 22.44
N THR B 3 2.22 -10.31 22.38
CA THR B 3 2.62 -9.11 21.66
C THR B 3 3.91 -9.41 20.92
N LEU B 4 4.06 -8.78 19.76
CA LEU B 4 5.26 -8.94 18.97
C LEU B 4 5.62 -7.56 18.46
N LYS B 5 6.92 -7.32 18.26
CA LYS B 5 7.37 -6.04 17.78
C LYS B 5 8.62 -6.21 16.91
N GLU B 6 8.57 -5.62 15.72
CA GLU B 6 9.67 -5.71 14.78
C GLU B 6 10.66 -4.57 14.99
N SER B 7 11.93 -4.87 14.78
CA SER B 7 12.98 -3.85 14.90
C SER B 7 14.03 -4.09 13.83
N GLY B 8 14.72 -3.02 13.46
CA GLY B 8 15.74 -3.09 12.46
C GLY B 8 15.99 -1.72 11.88
N PRO B 9 16.84 -1.62 10.85
CA PRO B 9 17.14 -0.34 10.21
C PRO B 9 16.02 0.13 9.29
N PRO B 10 15.66 1.42 9.38
CA PRO B 10 14.60 1.93 8.51
C PRO B 10 15.10 2.15 7.09
N LEU B 11 16.42 2.26 6.94
CA LEU B 11 17.03 2.50 5.65
C LEU B 11 18.16 1.53 5.35
N VAL B 12 18.18 1.01 4.13
CA VAL B 12 19.24 0.09 3.72
C VAL B 12 19.54 0.32 2.26
N LYS B 13 20.81 0.11 1.89
CA LYS B 13 21.23 0.31 0.53
C LYS B 13 21.22 -0.96 -0.31
N PRO B 14 20.92 -0.82 -1.61
CA PRO B 14 20.89 -1.94 -2.54
C PRO B 14 22.19 -2.73 -2.40
N THR B 15 22.06 -4.05 -2.54
CA THR B 15 23.12 -5.04 -2.43
C THR B 15 23.44 -5.37 -0.98
N GLN B 16 23.03 -4.50 -0.06
CA GLN B 16 23.31 -4.75 1.33
C GLN B 16 22.43 -5.85 1.93
N THR B 17 22.77 -6.24 3.15
CA THR B 17 22.04 -7.26 3.87
C THR B 17 21.15 -6.60 4.92
N LEU B 18 19.91 -7.05 4.96
CA LEU B 18 18.93 -6.53 5.90
C LEU B 18 18.65 -7.57 6.97
N THR B 19 18.80 -7.17 8.22
CA THR B 19 18.55 -8.06 9.35
C THR B 19 17.42 -7.48 10.18
N LEU B 20 16.33 -8.24 10.26
CA LEU B 20 15.15 -7.83 11.01
C LEU B 20 14.96 -8.70 12.23
N THR B 21 14.55 -8.07 13.34
CA THR B 21 14.32 -8.79 14.57
C THR B 21 12.89 -8.67 15.10
N CYS B 22 12.34 -9.81 15.51
CA CYS B 22 10.99 -9.85 16.08
C CYS B 22 11.14 -10.23 17.54
N SER B 23 10.78 -9.31 18.42
CA SER B 23 10.85 -9.58 19.86
C SER B 23 9.41 -9.79 20.31
N PHE B 24 9.16 -10.86 21.05
CA PHE B 24 7.81 -11.17 21.49
C PHE B 24 7.69 -11.53 22.95
N SER B 25 6.45 -11.54 23.43
CA SER B 25 6.16 -11.90 24.82
C SER B 25 4.77 -12.52 24.85
N GLY B 26 4.51 -13.32 25.88
CA GLY B 26 3.21 -13.97 25.97
C GLY B 26 3.22 -15.42 25.52
N PHE B 27 4.32 -15.84 24.90
CA PHE B 27 4.46 -17.22 24.45
C PHE B 27 5.95 -17.52 24.32
N SER B 28 6.29 -18.78 24.20
CA SER B 28 7.68 -19.18 24.06
C SER B 28 7.84 -20.04 22.83
N LEU B 29 8.99 -19.91 22.17
CA LEU B 29 9.24 -20.71 20.98
C LEU B 29 9.76 -22.09 21.43
N SER B 30 9.30 -22.52 22.60
CA SER B 30 9.60 -23.85 23.12
C SER B 30 8.22 -24.46 23.38
N ASP B 31 7.17 -23.67 23.13
CA ASP B 31 5.80 -24.15 23.30
C ASP B 31 5.46 -25.01 22.10
N PHE B 32 4.76 -26.11 22.35
CA PHE B 32 4.42 -27.05 21.29
C PHE B 32 3.78 -26.49 20.02
N GLY B 33 4.42 -26.79 18.89
CA GLY B 33 3.91 -26.38 17.59
C GLY B 33 3.74 -24.90 17.28
N VAL B 34 4.14 -24.03 18.19
CA VAL B 34 4.00 -22.60 17.95
C VAL B 34 4.93 -22.12 16.84
N GLY B 35 4.45 -21.14 16.06
CA GLY B 35 5.26 -20.60 15.00
C GLY B 35 5.29 -19.08 14.98
N VAL B 36 6.32 -18.54 14.33
CA VAL B 36 6.48 -17.10 14.15
C VAL B 36 6.83 -16.94 12.67
N GLY B 37 6.00 -16.18 11.95
CA GLY B 37 6.25 -15.99 10.54
C GLY B 37 6.52 -14.53 10.22
N TRP B 38 6.97 -14.29 8.99
CA TRP B 38 7.26 -12.95 8.53
C TRP B 38 6.45 -12.70 7.25
N ILE B 39 5.82 -11.54 7.19
CA ILE B 39 4.99 -11.14 6.05
C ILE B 39 5.37 -9.71 5.71
N ARG B 40 5.44 -9.38 4.43
CA ARG B 40 5.79 -8.01 4.08
C ARG B 40 4.70 -7.36 3.22
N GLN B 41 4.74 -6.04 3.14
CA GLN B 41 3.74 -5.30 2.37
C GLN B 41 4.29 -4.02 1.76
N PRO B 42 4.53 -4.03 0.45
CA PRO B 42 5.05 -2.84 -0.25
C PRO B 42 3.99 -1.76 -0.14
N PRO B 43 4.42 -0.48 -0.17
CA PRO B 43 3.45 0.62 -0.06
C PRO B 43 2.30 0.46 -1.05
N GLY B 44 1.08 0.63 -0.56
CA GLY B 44 -0.10 0.50 -1.40
C GLY B 44 -0.31 -0.85 -2.05
N LYS B 45 0.45 -1.87 -1.66
CA LYS B 45 0.29 -3.19 -2.26
C LYS B 45 -0.25 -4.28 -1.31
N ALA B 46 -0.36 -5.50 -1.84
CA ALA B 46 -0.87 -6.64 -1.08
C ALA B 46 0.17 -7.26 -0.15
N LEU B 47 -0.30 -8.15 0.73
CA LEU B 47 0.56 -8.85 1.67
C LEU B 47 1.30 -9.97 0.95
N GLU B 48 2.56 -10.18 1.31
CA GLU B 48 3.34 -11.23 0.71
C GLU B 48 4.03 -12.04 1.81
N TRP B 49 3.74 -13.32 1.84
CA TRP B 49 4.31 -14.24 2.82
C TRP B 49 5.80 -14.47 2.58
N LEU B 50 6.61 -14.43 3.63
CA LEU B 50 8.05 -14.60 3.48
C LEU B 50 8.65 -15.89 4.03
N ALA B 51 8.38 -16.17 5.30
CA ALA B 51 8.93 -17.36 5.94
C ALA B 51 8.28 -17.60 7.29
N ILE B 52 8.57 -18.76 7.88
CA ILE B 52 8.05 -19.10 9.19
C ILE B 52 8.98 -20.09 9.85
N ILE B 53 9.05 -20.02 11.17
CA ILE B 53 9.88 -20.93 11.94
C ILE B 53 9.06 -21.42 13.13
N TYR B 54 9.21 -22.70 13.47
CA TYR B 54 8.44 -23.26 14.58
C TYR B 54 9.32 -23.57 15.79
N SER B 55 8.68 -23.85 16.92
CA SER B 55 9.44 -24.11 18.12
C SER B 55 10.34 -25.33 18.05
N ASP B 56 10.05 -26.26 17.14
CA ASP B 56 10.90 -27.45 16.98
C ASP B 56 12.03 -27.15 16.00
N ASP B 57 12.13 -25.88 15.59
CA ASP B 57 13.13 -25.33 14.66
C ASP B 57 12.93 -25.65 13.18
N ASP B 58 11.76 -26.20 12.86
CA ASP B 58 11.40 -26.49 11.48
C ASP B 58 11.23 -25.11 10.85
N LYS B 59 11.70 -24.94 9.61
CA LYS B 59 11.61 -23.64 8.93
C LYS B 59 11.17 -23.79 7.48
N ARG B 60 10.49 -22.78 6.98
CA ARG B 60 10.05 -22.78 5.59
C ARG B 60 10.20 -21.37 5.03
N TYR B 61 10.52 -21.29 3.74
CA TYR B 61 10.74 -20.03 3.08
C TYR B 61 9.94 -19.89 1.81
N SER B 62 9.65 -18.65 1.45
CA SER B 62 8.99 -18.36 0.20
C SER B 62 9.94 -18.86 -0.89
N PRO B 63 9.45 -19.70 -1.81
CA PRO B 63 10.28 -20.25 -2.90
C PRO B 63 10.95 -19.22 -3.80
N SER B 64 10.33 -18.06 -3.98
CA SER B 64 10.92 -17.04 -4.84
C SER B 64 11.96 -16.19 -4.12
N LEU B 65 12.09 -16.37 -2.81
CA LEU B 65 13.06 -15.62 -2.03
C LEU B 65 13.96 -16.51 -1.21
N ASN B 66 13.83 -17.83 -1.34
CA ASN B 66 14.64 -18.67 -0.48
C ASN B 66 16.16 -18.58 -0.63
N THR B 67 16.67 -18.07 -1.75
CA THR B 67 18.12 -17.95 -1.84
C THR B 67 18.63 -16.72 -1.09
N ARG B 68 17.74 -15.81 -0.71
CA ARG B 68 18.15 -14.60 0.01
C ARG B 68 17.69 -14.53 1.47
N LEU B 69 16.88 -15.50 1.90
CA LEU B 69 16.37 -15.48 3.28
C LEU B 69 16.93 -16.51 4.23
N THR B 70 17.07 -16.09 5.48
CA THR B 70 17.48 -16.98 6.55
C THR B 70 16.64 -16.57 7.76
N ILE B 71 15.99 -17.55 8.38
CA ILE B 71 15.19 -17.25 9.55
C ILE B 71 15.74 -18.10 10.67
N THR B 72 15.83 -17.50 11.86
CA THR B 72 16.38 -18.20 13.01
C THR B 72 15.68 -17.73 14.27
N LYS B 73 15.74 -18.54 15.32
CA LYS B 73 15.11 -18.15 16.57
C LYS B 73 16.07 -18.21 17.73
N ASP B 74 15.88 -17.34 18.70
CA ASP B 74 16.70 -17.37 19.90
C ASP B 74 15.67 -17.55 20.99
N THR B 75 15.42 -18.82 21.28
CA THR B 75 14.43 -19.24 22.25
C THR B 75 14.54 -18.56 23.60
N SER B 76 15.77 -18.42 24.10
CA SER B 76 15.98 -17.82 25.40
C SER B 76 15.73 -16.31 25.43
N LYS B 77 15.85 -15.65 24.27
CA LYS B 77 15.61 -14.22 24.21
C LYS B 77 14.22 -13.85 23.69
N ASN B 78 13.46 -14.87 23.29
CA ASN B 78 12.13 -14.64 22.75
C ASN B 78 12.27 -13.71 21.56
N GLN B 79 13.06 -14.14 20.60
CA GLN B 79 13.27 -13.36 19.39
C GLN B 79 13.39 -14.28 18.20
N VAL B 80 13.05 -13.73 17.05
CA VAL B 80 13.16 -14.43 15.78
C VAL B 80 13.81 -13.42 14.87
N VAL B 81 14.81 -13.87 14.11
CA VAL B 81 15.51 -12.99 13.21
C VAL B 81 15.36 -13.44 11.77
N LEU B 82 15.16 -12.46 10.89
CA LEU B 82 15.05 -12.74 9.47
C LEU B 82 16.16 -11.94 8.81
N VAL B 83 16.98 -12.63 8.03
CA VAL B 83 18.08 -12.00 7.32
C VAL B 83 17.79 -12.07 5.83
N MET B 84 17.84 -10.93 5.17
CA MET B 84 17.60 -10.88 3.75
C MET B 84 18.84 -10.27 3.11
N THR B 85 19.47 -11.01 2.21
CA THR B 85 20.67 -10.55 1.56
C THR B 85 20.38 -9.91 0.21
N ARG B 86 21.38 -9.21 -0.32
CA ARG B 86 21.28 -8.56 -1.62
C ARG B 86 19.94 -7.87 -1.89
N VAL B 87 19.53 -6.99 -0.99
CA VAL B 87 18.27 -6.32 -1.19
C VAL B 87 18.32 -5.34 -2.36
N SER B 88 17.15 -5.05 -2.91
CA SER B 88 17.02 -4.11 -4.01
C SER B 88 15.81 -3.26 -3.64
N PRO B 89 15.59 -2.14 -4.36
CA PRO B 89 14.47 -1.23 -4.11
C PRO B 89 13.10 -1.90 -4.08
N VAL B 90 12.93 -3.02 -4.78
CA VAL B 90 11.63 -3.66 -4.76
C VAL B 90 11.39 -4.31 -3.40
N ASP B 91 12.44 -4.39 -2.58
CA ASP B 91 12.29 -4.97 -1.26
C ASP B 91 11.79 -3.93 -0.25
N THR B 92 11.59 -2.69 -0.68
CA THR B 92 11.10 -1.72 0.30
C THR B 92 9.64 -2.05 0.58
N ALA B 93 9.33 -2.11 1.87
CA ALA B 93 7.99 -2.47 2.30
C ALA B 93 7.94 -2.41 3.81
N THR B 94 6.76 -2.68 4.34
CA THR B 94 6.59 -2.74 5.76
C THR B 94 6.69 -4.23 6.03
N TYR B 95 7.54 -4.58 7.00
CA TYR B 95 7.75 -5.97 7.37
C TYR B 95 7.05 -6.29 8.68
N PHE B 96 6.27 -7.35 8.69
CA PHE B 96 5.54 -7.77 9.88
C PHE B 96 5.96 -9.14 10.35
N CYS B 97 5.98 -9.32 11.67
CA CYS B 97 6.21 -10.66 12.18
C CYS B 97 4.88 -11.02 12.82
N ALA B 98 4.58 -12.31 12.89
CA ALA B 98 3.30 -12.73 13.44
C ALA B 98 3.36 -14.10 14.07
N HIS B 99 2.47 -14.31 15.02
CA HIS B 99 2.37 -15.55 15.75
C HIS B 99 1.38 -16.52 15.11
N ARG B 100 1.73 -17.81 15.15
CA ARG B 100 0.87 -18.87 14.64
C ARG B 100 0.72 -19.87 15.77
N ARG B 101 -0.52 -20.13 16.17
CA ARG B 101 -0.77 -21.08 17.25
C ARG B 101 -0.43 -22.49 16.84
N GLY B 102 -0.12 -23.31 17.83
CA GLY B 102 0.15 -24.71 17.57
C GLY B 102 -1.17 -25.40 17.90
N PRO B 103 -1.29 -26.72 17.68
CA PRO B 103 -2.54 -27.39 17.98
C PRO B 103 -2.93 -27.32 19.45
N THR B 104 -4.24 -27.30 19.69
CA THR B 104 -4.78 -27.28 21.03
C THR B 104 -4.47 -28.66 21.60
N THR B 105 -4.05 -28.71 22.85
CA THR B 105 -3.74 -29.98 23.49
C THR B 105 -4.63 -30.17 24.73
N LEU B 106 -4.88 -31.42 25.09
CA LEU B 106 -5.67 -31.75 26.26
C LEU B 106 -4.81 -32.75 27.02
N PHE B 107 -4.40 -32.36 28.23
CA PHE B 107 -3.52 -33.21 29.04
C PHE B 107 -2.35 -33.59 28.15
N GLY B 108 -1.74 -32.55 27.57
CA GLY B 108 -0.60 -32.75 26.71
C GLY B 108 -0.83 -33.65 25.51
N VAL B 109 -2.06 -33.69 25.02
CA VAL B 109 -2.36 -34.51 23.85
C VAL B 109 -3.02 -33.61 22.81
N PRO B 110 -2.45 -33.53 21.60
CA PRO B 110 -3.06 -32.68 20.58
C PRO B 110 -4.48 -33.15 20.21
N ILE B 111 -5.45 -32.26 20.36
CA ILE B 111 -6.85 -32.60 20.06
C ILE B 111 -7.51 -31.75 18.97
N ALA B 112 -6.93 -30.61 18.63
CA ALA B 112 -7.52 -29.76 17.61
C ALA B 112 -6.46 -28.99 16.84
N ARG B 113 -6.49 -29.13 15.51
CA ARG B 113 -5.52 -28.42 14.69
C ARG B 113 -6.15 -27.19 14.05
N GLY B 114 -7.47 -27.04 14.20
CA GLY B 114 -8.14 -25.87 13.62
C GLY B 114 -7.47 -24.55 13.94
N PRO B 115 -7.05 -24.32 15.20
CA PRO B 115 -6.41 -23.05 15.59
C PRO B 115 -5.10 -22.68 14.88
N VAL B 116 -4.45 -23.62 14.21
CA VAL B 116 -3.21 -23.31 13.49
C VAL B 116 -3.52 -22.66 12.13
N ASN B 117 -4.77 -22.69 11.72
CA ASN B 117 -5.11 -22.13 10.42
C ASN B 117 -5.36 -20.63 10.35
N ALA B 118 -4.32 -19.89 10.71
CA ALA B 118 -4.31 -18.44 10.72
C ALA B 118 -3.04 -17.95 11.42
N MET B 119 -2.75 -16.66 11.26
CA MET B 119 -1.63 -16.01 11.94
C MET B 119 -2.50 -15.11 12.83
N ASP B 120 -2.59 -15.44 14.12
CA ASP B 120 -3.50 -14.71 15.00
C ASP B 120 -3.11 -13.38 15.64
N VAL B 121 -1.82 -13.15 15.87
CA VAL B 121 -1.38 -11.89 16.46
C VAL B 121 -0.23 -11.37 15.61
N TRP B 122 -0.29 -10.09 15.25
CA TRP B 122 0.72 -9.48 14.40
C TRP B 122 1.44 -8.33 15.09
N GLY B 123 2.65 -8.03 14.62
CA GLY B 123 3.39 -6.91 15.18
C GLY B 123 2.86 -5.67 14.45
N GLN B 124 3.25 -4.49 14.92
CA GLN B 124 2.81 -3.23 14.31
C GLN B 124 3.45 -3.07 12.93
N GLY B 125 4.57 -3.73 12.72
CA GLY B 125 5.25 -3.65 11.44
C GLY B 125 6.34 -2.61 11.41
N ILE B 126 7.43 -2.90 10.69
CA ILE B 126 8.51 -1.94 10.58
C ILE B 126 8.71 -1.56 9.13
N THR B 127 8.76 -0.27 8.87
CA THR B 127 8.93 0.23 7.51
C THR B 127 10.39 0.27 7.13
N VAL B 128 10.70 -0.40 6.02
CA VAL B 128 12.07 -0.46 5.52
C VAL B 128 12.13 0.08 4.09
N THR B 129 13.05 1.00 3.86
CA THR B 129 13.21 1.59 2.54
C THR B 129 14.58 1.25 1.96
N ILE B 130 14.60 0.79 0.72
CA ILE B 130 15.86 0.46 0.08
C ILE B 130 16.17 1.49 -1.00
N SER B 131 17.24 2.24 -0.76
CA SER B 131 17.70 3.29 -1.66
C SER B 131 19.19 3.55 -1.43
N SER B 132 19.88 3.89 -2.51
CA SER B 132 21.31 4.19 -2.48
C SER B 132 21.50 5.66 -2.16
N THR B 133 20.37 6.33 -1.95
CA THR B 133 20.35 7.76 -1.71
C THR B 133 20.78 8.34 -0.37
N SER B 134 21.31 9.56 -0.43
CA SER B 134 21.74 10.30 0.74
C SER B 134 20.68 11.32 1.10
N THR B 135 20.70 11.80 2.33
CA THR B 135 19.74 12.79 2.76
C THR B 135 19.79 13.97 1.81
N LYS B 136 18.64 14.33 1.24
CA LYS B 136 18.59 15.44 0.30
C LYS B 136 17.29 16.20 0.31
N GLY B 137 17.41 17.53 0.38
CA GLY B 137 16.25 18.39 0.38
C GLY B 137 15.60 18.45 -1.00
N PRO B 138 14.30 18.77 -1.05
CA PRO B 138 13.54 18.85 -2.29
C PRO B 138 13.69 20.16 -3.06
N SER B 139 13.34 20.11 -4.34
CA SER B 139 13.33 21.28 -5.20
C SER B 139 11.83 21.44 -5.31
N VAL B 140 11.33 22.65 -5.10
CA VAL B 140 9.90 22.88 -5.17
C VAL B 140 9.54 23.68 -6.40
N PHE B 141 8.61 23.14 -7.20
CA PHE B 141 8.18 23.81 -8.41
C PHE B 141 6.69 24.09 -8.43
N PRO B 142 6.30 25.19 -9.07
CA PRO B 142 4.90 25.60 -9.18
C PRO B 142 4.09 24.81 -10.20
N LEU B 143 2.83 24.59 -9.85
CA LEU B 143 1.87 23.91 -10.72
C LEU B 143 0.82 24.99 -10.92
N ALA B 144 0.83 25.64 -12.08
CA ALA B 144 -0.12 26.71 -12.33
C ALA B 144 -1.18 26.35 -13.36
N THR B 154 -13.90 26.71 -11.05
CA THR B 154 -12.87 26.17 -10.17
C THR B 154 -11.52 26.06 -10.87
N ALA B 155 -10.49 26.59 -10.21
CA ALA B 155 -9.14 26.55 -10.75
C ALA B 155 -8.31 25.65 -9.85
N ALA B 156 -7.29 25.06 -10.45
CA ALA B 156 -6.40 24.17 -9.72
C ALA B 156 -4.97 24.65 -9.80
N LEU B 157 -4.25 24.54 -8.69
CA LEU B 157 -2.85 24.91 -8.68
C LEU B 157 -2.19 24.10 -7.58
N GLY B 158 -0.87 24.12 -7.55
CA GLY B 158 -0.17 23.37 -6.53
C GLY B 158 1.33 23.50 -6.59
N CYS B 159 1.99 22.61 -5.87
CA CYS B 159 3.45 22.59 -5.83
C CYS B 159 3.96 21.17 -6.02
N LEU B 160 5.00 21.05 -6.83
CA LEU B 160 5.62 19.77 -7.08
C LEU B 160 6.84 19.76 -6.17
N VAL B 161 6.84 18.86 -5.21
CA VAL B 161 7.94 18.75 -4.26
C VAL B 161 8.78 17.59 -4.75
N LYS B 162 9.84 17.91 -5.48
CA LYS B 162 10.64 16.89 -6.09
C LYS B 162 12.07 16.60 -5.65
N ASP B 163 12.43 15.33 -5.79
CA ASP B 163 13.76 14.83 -5.50
C ASP B 163 14.31 14.99 -4.10
N TYR B 164 13.62 14.39 -3.13
CA TYR B 164 14.08 14.47 -1.76
C TYR B 164 14.23 13.10 -1.15
N PHE B 165 14.94 13.04 -0.03
CA PHE B 165 15.17 11.80 0.69
C PHE B 165 15.68 12.12 2.08
N PRO B 166 15.18 11.40 3.10
CA PRO B 166 14.17 10.35 2.96
C PRO B 166 12.82 10.96 3.28
N GLU B 167 11.81 10.12 3.42
CA GLU B 167 10.50 10.59 3.81
C GLU B 167 10.74 11.04 5.24
N PRO B 168 9.89 11.93 5.79
CA PRO B 168 8.75 12.51 5.10
C PRO B 168 8.95 14.02 4.91
N VAL B 169 7.99 14.63 4.26
CA VAL B 169 7.99 16.06 4.03
C VAL B 169 6.60 16.54 4.41
N THR B 170 6.49 17.78 4.88
CA THR B 170 5.19 18.32 5.22
C THR B 170 4.90 19.47 4.29
N VAL B 171 3.64 19.57 3.89
CA VAL B 171 3.22 20.61 2.98
C VAL B 171 1.93 21.23 3.51
N SER B 172 1.91 22.54 3.63
CA SER B 172 0.71 23.23 4.07
C SER B 172 0.51 24.36 3.09
N TRP B 173 -0.68 24.98 3.13
CA TRP B 173 -0.96 26.09 2.26
C TRP B 173 -1.31 27.33 3.09
N ASN B 174 -0.74 28.46 2.68
CA ASN B 174 -0.94 29.74 3.36
C ASN B 174 -0.72 29.62 4.87
N SER B 175 0.41 29.01 5.22
CA SER B 175 0.82 28.82 6.60
C SER B 175 -0.20 28.11 7.48
N GLY B 176 -0.99 27.21 6.90
CA GLY B 176 -1.98 26.46 7.65
C GLY B 176 -3.39 27.02 7.55
N ALA B 177 -3.50 28.25 7.10
CA ALA B 177 -4.80 28.91 6.97
C ALA B 177 -5.65 28.35 5.86
N LEU B 178 -5.02 27.65 4.91
CA LEU B 178 -5.76 27.09 3.81
C LEU B 178 -5.77 25.57 3.89
N THR B 179 -6.95 25.00 4.11
CA THR B 179 -7.09 23.55 4.23
C THR B 179 -8.13 22.98 3.28
N SER B 180 -9.18 23.75 3.01
CA SER B 180 -10.24 23.26 2.16
C SER B 180 -9.85 23.09 0.69
N GLY B 181 -10.16 21.92 0.14
CA GLY B 181 -9.85 21.64 -1.25
C GLY B 181 -8.39 21.32 -1.50
N VAL B 182 -7.64 21.08 -0.43
CA VAL B 182 -6.23 20.73 -0.57
C VAL B 182 -6.09 19.22 -0.67
N HIS B 183 -5.18 18.79 -1.53
CA HIS B 183 -4.90 17.37 -1.69
C HIS B 183 -3.40 17.21 -1.80
N THR B 184 -2.82 16.58 -0.79
CA THR B 184 -1.40 16.34 -0.78
C THR B 184 -1.28 14.84 -1.01
N PHE B 185 -0.70 14.51 -2.16
CA PHE B 185 -0.55 13.13 -2.55
C PHE B 185 0.58 12.36 -1.92
N PRO B 186 0.39 11.04 -1.80
CA PRO B 186 1.40 10.15 -1.23
C PRO B 186 2.60 10.32 -2.14
N ALA B 187 3.79 10.31 -1.57
CA ALA B 187 5.00 10.46 -2.38
C ALA B 187 5.25 9.18 -3.15
N VAL B 188 6.01 9.28 -4.24
CA VAL B 188 6.38 8.12 -5.01
C VAL B 188 7.89 8.04 -5.00
N LEU B 189 8.40 6.83 -4.80
CA LEU B 189 9.84 6.62 -4.78
C LEU B 189 10.23 6.50 -6.22
N GLN B 190 11.00 7.46 -6.71
CA GLN B 190 11.43 7.44 -8.10
C GLN B 190 12.52 6.40 -8.31
N SER B 191 12.74 6.06 -9.57
CA SER B 191 13.76 5.08 -9.93
C SER B 191 15.12 5.57 -9.48
N SER B 192 15.24 6.88 -9.27
CA SER B 192 16.51 7.47 -8.85
C SER B 192 16.80 7.24 -7.38
N GLY B 193 15.79 6.81 -6.63
CA GLY B 193 15.98 6.58 -5.21
C GLY B 193 15.53 7.78 -4.40
N LEU B 194 15.02 8.79 -5.10
CA LEU B 194 14.53 10.01 -4.47
C LEU B 194 13.03 10.08 -4.59
N TYR B 195 12.39 10.69 -3.60
CA TYR B 195 10.94 10.82 -3.59
C TYR B 195 10.48 12.04 -4.34
N SER B 196 9.19 12.05 -4.64
CA SER B 196 8.58 13.17 -5.31
C SER B 196 7.09 13.15 -5.04
N LEU B 197 6.54 14.32 -4.74
CA LEU B 197 5.12 14.41 -4.49
C LEU B 197 4.57 15.75 -4.91
N SER B 198 3.26 15.80 -5.03
CA SER B 198 2.59 17.02 -5.42
C SER B 198 1.49 17.31 -4.43
N SER B 199 1.28 18.59 -4.19
CA SER B 199 0.22 19.04 -3.31
C SER B 199 -0.52 20.04 -4.17
N VAL B 200 -1.83 19.87 -4.28
CA VAL B 200 -2.61 20.77 -5.08
C VAL B 200 -3.75 21.31 -4.26
N VAL B 201 -4.35 22.36 -4.78
CA VAL B 201 -5.47 22.95 -4.10
C VAL B 201 -6.40 23.49 -5.18
N THR B 202 -7.68 23.28 -4.95
CA THR B 202 -8.71 23.71 -5.87
C THR B 202 -9.42 24.91 -5.26
N VAL B 203 -9.64 25.94 -6.08
CA VAL B 203 -10.29 27.15 -5.62
C VAL B 203 -11.21 27.76 -6.66
N PRO B 204 -12.01 28.74 -6.24
CA PRO B 204 -12.92 29.41 -7.16
C PRO B 204 -12.10 30.32 -8.07
N SER B 205 -12.28 30.15 -9.37
CA SER B 205 -11.55 30.93 -10.34
C SER B 205 -11.54 32.42 -10.01
N SER B 206 -12.59 32.88 -9.32
CA SER B 206 -12.68 34.29 -8.97
C SER B 206 -11.60 34.73 -7.98
N SER B 207 -11.16 33.82 -7.12
CA SER B 207 -10.16 34.10 -6.09
C SER B 207 -8.78 34.54 -6.58
N LEU B 208 -8.26 33.81 -7.54
CA LEU B 208 -6.93 34.05 -8.11
C LEU B 208 -6.40 35.47 -8.05
N GLN B 211 -6.90 36.65 -3.67
CA GLN B 211 -6.19 35.84 -2.70
C GLN B 211 -4.89 35.26 -3.24
N THR B 212 -3.89 35.16 -2.38
CA THR B 212 -2.60 34.61 -2.77
C THR B 212 -2.54 33.15 -2.31
N TYR B 213 -1.73 32.36 -3.00
CA TYR B 213 -1.58 30.96 -2.66
C TYR B 213 -0.11 30.58 -2.55
N THR B 214 0.27 30.17 -1.35
CA THR B 214 1.66 29.81 -1.06
C THR B 214 1.74 28.43 -0.41
N CYS B 215 2.60 27.57 -0.94
CA CYS B 215 2.76 26.25 -0.34
C CYS B 215 3.97 26.34 0.58
N ASN B 216 3.82 25.85 1.79
CA ASN B 216 4.89 25.87 2.76
C ASN B 216 5.43 24.45 2.87
N VAL B 217 6.66 24.26 2.42
CA VAL B 217 7.28 22.94 2.42
C VAL B 217 8.39 22.78 3.45
N ASN B 218 8.36 21.66 4.17
CA ASN B 218 9.36 21.41 5.19
C ASN B 218 9.83 19.97 5.17
N HIS B 219 11.13 19.80 4.94
CA HIS B 219 11.75 18.48 4.93
C HIS B 219 12.79 18.50 6.05
N LYS B 220 12.34 18.15 7.25
CA LYS B 220 13.19 18.15 8.42
C LYS B 220 14.52 17.41 8.31
N PRO B 221 14.51 16.20 7.75
CA PRO B 221 15.74 15.42 7.59
C PRO B 221 16.90 16.20 6.99
N SER B 222 16.60 17.23 6.21
CA SER B 222 17.63 18.05 5.57
C SER B 222 17.54 19.51 6.00
N ASN B 223 16.63 19.81 6.92
CA ASN B 223 16.39 21.17 7.39
C ASN B 223 16.19 22.07 6.20
N THR B 224 15.34 21.65 5.28
CA THR B 224 15.07 22.43 4.09
C THR B 224 13.65 22.98 4.21
N LYS B 225 13.54 24.29 4.29
CA LYS B 225 12.23 24.93 4.39
C LYS B 225 12.06 25.84 3.19
N VAL B 226 10.89 25.75 2.58
CA VAL B 226 10.60 26.54 1.40
C VAL B 226 9.17 27.04 1.35
N ASP B 227 9.01 28.31 1.01
CA ASP B 227 7.68 28.89 0.85
C ASP B 227 7.65 29.32 -0.61
N LYS B 228 6.74 28.76 -1.39
CA LYS B 228 6.65 29.15 -2.77
C LYS B 228 5.28 29.63 -3.12
N ARG B 229 5.22 30.86 -3.59
CA ARG B 229 3.97 31.44 -3.97
C ARG B 229 3.65 30.98 -5.37
N VAL B 230 2.41 30.54 -5.57
CA VAL B 230 1.99 30.07 -6.86
C VAL B 230 0.90 30.94 -7.45
N GLU B 231 1.15 31.48 -8.63
CA GLU B 231 0.13 32.28 -9.27
C GLU B 231 -0.09 31.85 -10.71
N PRO B 232 -1.21 32.29 -11.31
CA PRO B 232 -1.65 32.01 -12.69
C PRO B 232 -0.76 32.55 -13.79
N LEU C 1 3.27 -31.16 -6.47
CA LEU C 1 4.59 -30.49 -6.30
C LEU C 1 4.56 -29.50 -5.14
N LEU C 2 3.36 -29.14 -4.71
CA LEU C 2 3.19 -28.20 -3.60
C LEU C 2 3.40 -28.92 -2.28
N GLU C 3 4.28 -28.39 -1.45
CA GLU C 3 4.53 -29.01 -0.16
C GLU C 3 3.40 -28.71 0.80
N LEU C 4 3.00 -29.72 1.55
CA LEU C 4 1.93 -29.59 2.52
C LEU C 4 2.38 -28.87 3.79
N ASP C 5 1.44 -28.15 4.40
CA ASP C 5 1.69 -27.42 5.63
C ASP C 5 2.08 -28.38 6.74
N LYS C 6 2.75 -27.84 7.77
CA LYS C 6 3.19 -28.63 8.91
C LYS C 6 2.07 -29.47 9.53
N TRP C 7 0.86 -28.90 9.56
CA TRP C 7 -0.28 -29.56 10.21
C TRP C 7 -1.27 -30.33 9.33
N ALA C 8 -0.98 -30.38 8.03
CA ALA C 8 -1.85 -31.09 7.11
C ALA C 8 -1.84 -32.60 7.25
N SER C 9 -3.02 -33.14 6.92
CA SER C 9 -3.42 -34.56 6.74
C SER C 9 -4.39 -35.24 7.72
#